data_4FWW
#
_entry.id   4FWW
#
_cell.length_a   106.400
_cell.length_b   73.300
_cell.length_c   87.900
_cell.angle_alpha   90.00
_cell.angle_beta   97.40
_cell.angle_gamma   90.00
#
_symmetry.space_group_name_H-M   'C 1 2 1'
#
loop_
_entity.id
_entity.type
_entity.pdbx_description
1 polymer 'Macrophage-stimulating protein receptor'
2 branched beta-D-mannopyranose-(1-3)-beta-D-mannopyranose-(1-4)-2-acetamido-2-deoxy-beta-D-glucopyranose-(1-4)-2-acetamido-2-deoxy-beta-D-glucopyranose
3 non-polymer 'SULFATE ION'
4 non-polymer 'ACETATE ION'
5 non-polymer GLYCEROL
6 non-polymer 1,2-ETHANEDIOL
7 non-polymer DI(HYDROXYETHYL)ETHER
8 water water
#
_entity_poly.entity_id   1
_entity_poly.type   'polypeptide(L)'
_entity_poly.pdbx_seq_one_letter_code
;VKYVVPSFSAGGLVQAMVTYEGDRNESAVFVAIRNRLHVLGPDLKSVQSLATGPAGDPGCQTCAACGPGPHGPPGDTDTK
VLVLDPALPALVSCGSSLQGRCFLHDLEPQGTAVHLAAPACLFSAHHNRPDDCPDCVASPLGTRVTVVEQGQASYFYVAS
SLDAAVAASFSPRSVSIRRLKADASGFAPGFVALSVLPKHLVSYSIEYVHSFHTGAFVYFLTVQPASVTDDPSALHTRLA
RLSATEPELGDYRELVLDCRFAPKLVPRGSPEGGQPYPVLQVAHSAPVGAQLATELSIAEGQEVLFGVFVTGKDGGPGVG
PNSVVCAFPIDLLDTLIDEGVERCCESPVHPGLRRGLDFFQSPSFCPNPPGLEALSPNTSCRHFPLLVSSSFSRVDLFNG
LLGPVQVTALYVTRLDNVTVAHMGTMDGRILQVELVRSLNYLLYVSNFSLGDSGQPVQRDVSRLGDHLLFASGDQVFQVP
IQGPGCRHFLTCGRCLRAWHFMGCGWCGNMCGQQKECPGSWQQDHCP
;
_entity_poly.pdbx_strand_id   A
#
loop_
_chem_comp.id
_chem_comp.type
_chem_comp.name
_chem_comp.formula
ACT non-polymer 'ACETATE ION' 'C2 H3 O2 -1'
BMA D-saccharide, beta linking beta-D-mannopyranose 'C6 H12 O6'
EDO non-polymer 1,2-ETHANEDIOL 'C2 H6 O2'
GOL non-polymer GLYCEROL 'C3 H8 O3'
NAG D-saccharide, beta linking 2-acetamido-2-deoxy-beta-D-glucopyranose 'C8 H15 N O6'
PEG non-polymer DI(HYDROXYETHYL)ETHER 'C4 H10 O3'
SO4 non-polymer 'SULFATE ION' 'O4 S -2'
#
# COMPACT_ATOMS: atom_id res chain seq x y z
N VAL A 1 19.62 8.36 17.79
CA VAL A 1 18.77 7.23 17.32
C VAL A 1 18.38 6.30 18.47
N LYS A 2 17.19 6.52 19.05
CA LYS A 2 16.65 5.68 20.15
C LYS A 2 16.53 4.21 19.77
N TYR A 3 17.11 3.34 20.61
CA TYR A 3 17.15 1.90 20.33
C TYR A 3 15.80 1.23 20.68
N VAL A 4 15.30 0.43 19.76
CA VAL A 4 14.02 -0.20 19.95
C VAL A 4 14.23 -1.69 19.89
N VAL A 5 13.82 -2.36 20.96
CA VAL A 5 13.92 -3.81 21.09
C VAL A 5 12.81 -4.44 20.25
N PRO A 6 13.08 -5.60 19.61
CA PRO A 6 11.99 -6.21 18.84
C PRO A 6 10.83 -6.67 19.75
N SER A 7 9.62 -6.70 19.22
CA SER A 7 8.49 -7.15 20.04
C SER A 7 8.18 -8.59 19.76
N PHE A 8 8.53 -9.05 18.56
CA PHE A 8 8.16 -10.38 18.16
C PHE A 8 9.19 -10.88 17.17
N SER A 9 9.70 -12.08 17.40
CA SER A 9 10.56 -12.74 16.41
C SER A 9 9.77 -13.79 15.68
N ALA A 10 9.69 -13.64 14.36
CA ALA A 10 8.80 -14.49 13.57
C ALA A 10 9.37 -15.85 13.22
N GLY A 11 10.67 -16.04 13.39
CA GLY A 11 11.28 -17.33 13.07
C GLY A 11 11.67 -17.45 11.61
N GLY A 12 11.72 -16.32 10.92
CA GLY A 12 11.87 -16.33 9.47
C GLY A 12 11.64 -14.93 8.96
N LEU A 13 12.01 -14.67 7.70
CA LEU A 13 11.85 -13.32 7.16
C LEU A 13 10.36 -13.02 7.01
N VAL A 14 9.95 -11.90 7.58
CA VAL A 14 8.55 -11.48 7.55
C VAL A 14 8.21 -11.12 6.14
N GLN A 15 7.25 -11.85 5.58
CA GLN A 15 6.79 -11.57 4.22
C GLN A 15 5.62 -10.61 4.12
N ALA A 16 4.73 -10.64 5.12
CA ALA A 16 3.56 -9.77 5.11
C ALA A 16 3.10 -9.50 6.55
N MET A 17 2.51 -8.34 6.73
CA MET A 17 2.04 -7.93 8.06
C MET A 17 0.84 -7.02 7.86
N VAL A 18 -0.26 -7.32 8.57
CA VAL A 18 -1.39 -6.37 8.59
C VAL A 18 -2.03 -6.40 9.98
N THR A 19 -2.65 -5.30 10.39
CA THR A 19 -3.32 -5.23 11.69
C THR A 19 -4.85 -5.21 11.62
N TYR A 20 -5.48 -5.50 12.76
CA TYR A 20 -6.92 -5.36 12.84
C TYR A 20 -7.31 -4.73 14.15
N GLU A 21 -8.14 -3.68 14.07
CA GLU A 21 -8.76 -3.12 15.27
C GLU A 21 -10.28 -3.20 15.13
N GLY A 22 -10.93 -3.98 16.01
CA GLY A 22 -12.38 -4.19 15.92
C GLY A 22 -13.22 -3.26 16.79
N ASP A 23 -14.53 -3.49 16.82
CA ASP A 23 -15.46 -2.56 17.45
C ASP A 23 -15.51 -2.76 18.93
N ARG A 24 -15.10 -3.95 19.35
CA ARG A 24 -15.28 -4.37 20.73
C ARG A 24 -13.97 -4.24 21.49
N ASN A 25 -13.17 -3.25 21.11
CA ASN A 25 -11.81 -3.13 21.64
C ASN A 25 -10.96 -4.41 21.48
N GLU A 26 -11.18 -5.18 20.43
CA GLU A 26 -10.32 -6.32 20.17
C GLU A 26 -9.37 -5.98 19.02
N SER A 27 -8.14 -6.46 19.10
CA SER A 27 -7.19 -6.15 18.04
C SER A 27 -6.19 -7.26 17.81
N ALA A 28 -5.53 -7.23 16.64
CA ALA A 28 -4.55 -8.26 16.33
C ALA A 28 -3.54 -7.81 15.28
N VAL A 29 -2.37 -8.47 15.31
CA VAL A 29 -1.37 -8.34 14.22
C VAL A 29 -1.28 -9.70 13.53
N PHE A 30 -1.37 -9.69 12.20
CA PHE A 30 -1.13 -10.88 11.41
C PHE A 30 0.23 -10.75 10.68
N VAL A 31 1.11 -11.72 10.96
CA VAL A 31 2.50 -11.74 10.50
C VAL A 31 2.77 -13.04 9.76
N ALA A 32 3.22 -12.91 8.51
CA ALA A 32 3.39 -14.08 7.64
C ALA A 32 4.86 -14.30 7.36
N ILE A 33 5.27 -15.56 7.45
CA ILE A 33 6.59 -15.94 6.94
C ILE A 33 6.36 -17.08 5.97
N ARG A 34 7.40 -17.42 5.21
CA ARG A 34 7.34 -18.63 4.40
C ARG A 34 6.71 -19.77 5.20
N ASN A 35 5.66 -20.35 4.64
CA ASN A 35 4.98 -21.47 5.23
C ASN A 35 4.30 -21.29 6.60
N ARG A 36 4.37 -20.09 7.18
CA ARG A 36 3.65 -19.90 8.44
C ARG A 36 2.97 -18.54 8.60
N LEU A 37 1.73 -18.55 9.07
CA LEU A 37 1.05 -17.35 9.56
C LEU A 37 1.00 -17.27 11.11
N HIS A 38 1.46 -16.14 11.69
CA HIS A 38 1.31 -15.84 13.13
C HIS A 38 0.20 -14.82 13.44
N VAL A 39 -0.58 -15.09 14.49
CA VAL A 39 -1.53 -14.13 15.06
C VAL A 39 -1.02 -13.66 16.41
N LEU A 40 -0.84 -12.35 16.54
CA LEU A 40 -0.41 -11.73 17.78
C LEU A 40 -1.55 -10.94 18.43
N GLY A 41 -1.49 -10.84 19.75
CA GLY A 41 -2.44 -10.01 20.48
C GLY A 41 -1.91 -8.61 20.48
N PRO A 42 -2.54 -7.72 21.27
CA PRO A 42 -2.22 -6.28 21.31
C PRO A 42 -0.90 -6.05 22.00
N ASP A 43 -0.44 -7.06 22.72
CA ASP A 43 0.82 -6.94 23.42
C ASP A 43 1.92 -7.50 22.51
N LEU A 44 1.54 -7.92 21.31
CA LEU A 44 2.43 -8.41 20.27
C LEU A 44 3.06 -9.76 20.67
N LYS A 45 2.37 -10.45 21.58
CA LYS A 45 2.69 -11.84 21.84
C LYS A 45 1.74 -12.74 21.10
N SER A 46 2.23 -13.93 20.77
CA SER A 46 1.56 -14.84 19.87
C SER A 46 0.39 -15.51 20.54
N VAL A 47 -0.73 -15.60 19.82
CA VAL A 47 -1.88 -16.33 20.33
C VAL A 47 -2.14 -17.58 19.53
N GLN A 48 -1.61 -17.66 18.31
CA GLN A 48 -1.99 -18.75 17.44
C GLN A 48 -1.01 -18.73 16.26
N SER A 49 -0.86 -19.88 15.58
CA SER A 49 0.00 -20.00 14.40
C SER A 49 -0.67 -20.97 13.48
N LEU A 50 -0.38 -20.88 12.20
CA LEU A 50 -0.96 -21.76 11.22
C LEU A 50 0.10 -22.06 10.14
N ALA A 51 0.23 -23.34 9.78
CA ALA A 51 1.10 -23.77 8.65
C ALA A 51 0.44 -23.45 7.34
N THR A 52 1.10 -22.64 6.52
CA THR A 52 0.54 -22.33 5.21
C THR A 52 1.25 -23.07 4.11
N GLY A 53 2.28 -23.82 4.46
CA GLY A 53 2.89 -24.75 3.51
C GLY A 53 3.82 -25.73 4.22
N PRO A 54 4.65 -26.45 3.44
CA PRO A 54 4.61 -26.35 1.98
C PRO A 54 3.43 -27.10 1.38
N ALA A 55 2.98 -26.67 0.21
CA ALA A 55 1.92 -27.36 -0.49
C ALA A 55 2.29 -28.83 -0.63
N GLY A 56 1.27 -29.69 -0.68
CA GLY A 56 1.47 -31.13 -0.76
C GLY A 56 2.22 -31.70 0.43
N ASP A 57 2.26 -30.95 1.52
CA ASP A 57 2.71 -31.46 2.82
C ASP A 57 1.49 -31.79 3.67
N PRO A 58 1.52 -32.96 4.37
CA PRO A 58 0.33 -33.32 5.16
C PRO A 58 0.11 -32.31 6.27
N GLY A 59 1.19 -31.67 6.70
CA GLY A 59 1.11 -30.68 7.79
C GLY A 59 0.61 -29.29 7.39
N CYS A 60 0.41 -29.04 6.10
CA CYS A 60 -0.10 -27.75 5.62
C CYS A 60 -1.57 -27.62 6.00
N GLN A 61 -1.87 -26.81 7.00
CA GLN A 61 -3.26 -26.64 7.45
C GLN A 61 -4.18 -25.84 6.48
N THR A 62 -3.63 -24.88 5.72
CA THR A 62 -4.47 -24.21 4.69
C THR A 62 -4.74 -25.16 3.55
N CYS A 63 -3.69 -25.81 3.06
CA CYS A 63 -3.85 -26.80 1.98
C CYS A 63 -4.90 -27.84 2.31
N ALA A 64 -4.90 -28.32 3.56
CA ALA A 64 -5.82 -29.35 4.02
C ALA A 64 -7.27 -28.92 3.94
N ALA A 65 -7.51 -27.62 3.99
CA ALA A 65 -8.86 -27.11 3.91
C ALA A 65 -9.41 -27.17 2.48
N CYS A 66 -8.56 -27.42 1.49
CA CYS A 66 -9.05 -27.60 0.11
C CYS A 66 -9.58 -29.02 -0.14
N GLY A 67 -9.66 -29.80 0.93
CA GLY A 67 -10.20 -31.14 0.84
C GLY A 67 -9.13 -32.16 0.52
N PRO A 68 -9.54 -33.42 0.32
CA PRO A 68 -8.57 -34.50 0.33
C PRO A 68 -7.48 -34.21 -0.71
N GLY A 69 -6.24 -34.18 -0.25
CA GLY A 69 -5.12 -33.75 -1.07
C GLY A 69 -4.92 -34.69 -2.25
N PRO A 70 -3.68 -34.72 -2.77
CA PRO A 70 -2.85 -33.54 -2.56
C PRO A 70 -3.16 -32.52 -3.63
N HIS A 71 -2.55 -31.34 -3.50
CA HIS A 71 -2.71 -30.30 -4.48
C HIS A 71 -1.32 -29.87 -4.83
N GLY A 72 -1.06 -29.62 -6.11
CA GLY A 72 0.29 -29.34 -6.58
C GLY A 72 0.42 -28.13 -7.47
N PRO A 73 1.62 -27.88 -8.01
CA PRO A 73 2.85 -28.59 -7.66
C PRO A 73 3.16 -28.45 -6.17
N PRO A 74 4.01 -29.34 -5.63
CA PRO A 74 4.57 -29.15 -4.29
C PRO A 74 5.56 -28.00 -4.30
N GLY A 75 5.74 -27.37 -3.14
CA GLY A 75 6.52 -26.17 -3.07
C GLY A 75 6.19 -25.32 -1.86
N ASP A 76 7.10 -24.42 -1.55
CA ASP A 76 6.96 -23.52 -0.45
C ASP A 76 5.86 -22.52 -0.73
N THR A 77 5.18 -22.08 0.33
CA THR A 77 4.17 -21.04 0.23
C THR A 77 4.69 -19.73 0.75
N ASP A 78 4.88 -18.78 -0.16
CA ASP A 78 5.21 -17.42 0.24
C ASP A 78 3.92 -16.63 0.24
N THR A 79 3.70 -15.82 1.28
CA THR A 79 2.43 -15.12 1.43
C THR A 79 2.52 -13.88 0.60
N LYS A 80 1.61 -13.72 -0.36
CA LYS A 80 1.61 -12.53 -1.25
C LYS A 80 0.62 -11.44 -0.83
N VAL A 81 -0.47 -11.85 -0.20
CA VAL A 81 -1.51 -10.93 0.25
C VAL A 81 -1.97 -11.32 1.67
N LEU A 82 -2.01 -10.35 2.59
CA LEU A 82 -2.76 -10.48 3.83
C LEU A 82 -3.67 -9.27 3.84
N VAL A 83 -4.98 -9.51 3.82
CA VAL A 83 -5.94 -8.39 3.84
C VAL A 83 -7.15 -8.70 4.74
N LEU A 84 -7.61 -7.70 5.48
CA LEU A 84 -8.87 -7.80 6.22
C LEU A 84 -10.12 -7.49 5.40
N ASP A 85 -11.13 -8.31 5.65
CA ASP A 85 -12.45 -8.05 5.19
C ASP A 85 -13.29 -7.71 6.40
N PRO A 86 -13.43 -6.41 6.67
CA PRO A 86 -14.01 -6.01 7.95
C PRO A 86 -15.49 -6.33 8.02
N ALA A 87 -16.13 -6.50 6.87
CA ALA A 87 -17.57 -6.81 6.83
C ALA A 87 -17.91 -8.09 7.57
N LEU A 88 -16.99 -9.06 7.56
CA LEU A 88 -17.30 -10.35 8.13
C LEU A 88 -17.28 -10.38 9.63
N PRO A 89 -16.17 -9.98 10.27
CA PRO A 89 -14.85 -9.70 9.78
C PRO A 89 -14.05 -10.99 9.62
N ALA A 90 -13.12 -11.00 8.68
CA ALA A 90 -12.26 -12.17 8.42
C ALA A 90 -10.94 -11.66 7.84
N LEU A 91 -9.85 -12.37 8.12
CA LEU A 91 -8.58 -12.25 7.36
C LEU A 91 -8.63 -13.07 6.07
N VAL A 92 -7.99 -12.54 5.02
CA VAL A 92 -7.81 -13.29 3.81
C VAL A 92 -6.32 -13.33 3.51
N SER A 93 -5.81 -14.55 3.28
CA SER A 93 -4.40 -14.74 2.96
C SER A 93 -4.33 -15.42 1.60
N CYS A 94 -3.36 -15.03 0.78
CA CYS A 94 -3.21 -15.65 -0.52
C CYS A 94 -1.73 -15.88 -0.69
N GLY A 95 -1.37 -17.04 -1.24
CA GLY A 95 0.04 -17.43 -1.30
C GLY A 95 0.60 -17.64 -2.70
N SER A 96 1.91 -17.82 -2.78
CA SER A 96 2.62 -18.11 -4.06
C SER A 96 2.24 -19.47 -4.67
N SER A 97 1.76 -20.37 -3.84
CA SER A 97 1.53 -21.75 -4.23
C SER A 97 0.08 -21.99 -4.59
N LEU A 98 -0.19 -23.15 -5.15
CA LEU A 98 -1.56 -23.62 -5.24
C LEU A 98 -2.40 -22.69 -6.15
N GLN A 99 -1.75 -22.19 -7.21
CA GLN A 99 -2.43 -21.39 -8.25
C GLN A 99 -2.90 -20.00 -7.76
N GLY A 100 -2.27 -19.51 -6.70
CA GLY A 100 -2.56 -18.18 -6.17
C GLY A 100 -3.85 -18.09 -5.38
N ARG A 101 -4.41 -19.25 -5.02
CA ARG A 101 -5.68 -19.29 -4.28
C ARG A 101 -5.62 -18.61 -2.92
N CYS A 102 -6.76 -18.18 -2.42
CA CYS A 102 -6.81 -17.50 -1.14
C CYS A 102 -7.53 -18.37 -0.13
N PHE A 103 -7.31 -18.06 1.14
CA PHE A 103 -8.01 -18.72 2.23
C PHE A 103 -8.73 -17.71 3.08
N LEU A 104 -9.91 -18.08 3.61
CA LEU A 104 -10.70 -17.15 4.39
C LEU A 104 -10.63 -17.58 5.87
N HIS A 105 -10.31 -16.64 6.76
CA HIS A 105 -10.16 -16.99 8.19
C HIS A 105 -11.02 -16.06 9.02
N ASP A 106 -12.19 -16.54 9.44
CA ASP A 106 -13.08 -15.79 10.34
C ASP A 106 -12.42 -15.38 11.66
N LEU A 107 -12.57 -14.11 12.02
CA LEU A 107 -12.05 -13.59 13.28
C LEU A 107 -13.02 -13.94 14.39
N GLU A 108 -12.50 -14.45 15.49
CA GLU A 108 -13.33 -14.86 16.64
C GLU A 108 -12.81 -14.09 17.83
N PRO A 109 -13.70 -13.68 18.75
CA PRO A 109 -13.29 -13.00 20.00
C PRO A 109 -12.29 -13.82 20.78
N GLN A 110 -11.28 -13.16 21.33
CA GLN A 110 -10.47 -13.78 22.37
C GLN A 110 -9.90 -12.71 23.31
N GLY A 111 -10.75 -12.23 24.21
CA GLY A 111 -10.33 -11.16 25.11
C GLY A 111 -10.09 -9.89 24.34
N THR A 112 -8.98 -9.20 24.59
CA THR A 112 -8.58 -8.06 23.80
C THR A 112 -7.90 -8.46 22.47
N ALA A 113 -7.73 -9.76 22.25
CA ALA A 113 -7.16 -10.26 21.02
C ALA A 113 -8.24 -10.92 20.20
N VAL A 114 -7.77 -11.65 19.20
CA VAL A 114 -8.64 -12.31 18.26
C VAL A 114 -8.03 -13.70 18.03
N HIS A 115 -8.88 -14.67 17.73
CA HIS A 115 -8.36 -15.88 17.13
C HIS A 115 -9.05 -16.22 15.83
N LEU A 116 -8.37 -16.98 14.97
CA LEU A 116 -8.90 -17.29 13.64
C LEU A 116 -9.57 -18.65 13.67
N ALA A 117 -10.78 -18.72 13.11
CA ALA A 117 -11.45 -20.00 12.88
C ALA A 117 -10.76 -20.77 11.77
N ALA A 118 -11.03 -22.07 11.71
CA ALA A 118 -10.42 -22.93 10.72
C ALA A 118 -10.60 -22.26 9.34
N PRO A 119 -9.61 -22.42 8.44
CA PRO A 119 -9.58 -21.76 7.13
C PRO A 119 -10.59 -22.33 6.14
N ALA A 120 -11.30 -21.47 5.40
CA ALA A 120 -12.06 -21.90 4.22
C ALA A 120 -11.17 -21.73 3.00
N CYS A 121 -11.13 -22.73 2.12
CA CYS A 121 -10.30 -22.64 0.88
C CYS A 121 -11.14 -21.93 -0.18
N LEU A 122 -10.69 -20.80 -0.69
CA LEU A 122 -11.50 -20.08 -1.68
C LEU A 122 -11.24 -20.52 -3.09
N PHE A 123 -11.30 -21.82 -3.32
CA PHE A 123 -11.05 -22.39 -4.65
C PHE A 123 -12.03 -23.54 -4.83
N SER A 124 -13.00 -23.38 -5.72
CA SER A 124 -13.91 -24.49 -6.05
C SER A 124 -13.42 -25.29 -7.25
N ALA A 125 -13.27 -26.60 -7.06
CA ALA A 125 -12.79 -27.50 -8.12
C ALA A 125 -13.56 -27.29 -9.42
N HIS A 126 -14.86 -27.55 -9.36
CA HIS A 126 -15.68 -27.51 -10.55
C HIS A 126 -16.11 -26.09 -10.85
N HIS A 127 -15.16 -25.28 -11.31
CA HIS A 127 -15.37 -23.83 -11.43
C HIS A 127 -14.15 -23.10 -11.92
N ASN A 128 -13.01 -23.80 -11.95
CA ASN A 128 -11.76 -23.21 -12.42
C ASN A 128 -11.16 -24.02 -13.59
N ARG A 129 -10.83 -23.35 -14.68
CA ARG A 129 -10.30 -24.02 -15.84
C ARG A 129 -8.97 -23.36 -16.15
N PRO A 130 -8.09 -24.08 -16.84
CA PRO A 130 -6.77 -23.54 -17.14
C PRO A 130 -6.85 -22.21 -17.85
N ASP A 131 -7.92 -21.99 -18.61
CA ASP A 131 -8.07 -20.77 -19.41
C ASP A 131 -8.93 -19.74 -18.73
N ASP A 132 -9.47 -20.09 -17.58
CA ASP A 132 -10.40 -19.23 -16.87
C ASP A 132 -10.55 -19.63 -15.39
N CYS A 133 -9.89 -18.88 -14.51
CA CYS A 133 -9.78 -19.27 -13.10
C CYS A 133 -10.20 -18.11 -12.20
N PRO A 134 -11.50 -18.01 -11.90
CA PRO A 134 -11.96 -16.95 -10.99
C PRO A 134 -11.30 -16.97 -9.62
N ASP A 135 -10.82 -18.13 -9.18
CA ASP A 135 -10.15 -18.22 -7.89
C ASP A 135 -8.65 -18.09 -7.87
N CYS A 136 -8.04 -17.92 -9.05
CA CYS A 136 -6.61 -17.70 -9.11
C CYS A 136 -6.31 -16.23 -8.86
N VAL A 137 -5.97 -15.89 -7.63
CA VAL A 137 -5.92 -14.51 -7.20
C VAL A 137 -4.47 -13.92 -7.13
N ALA A 138 -3.57 -14.63 -6.46
CA ALA A 138 -2.25 -14.09 -6.20
C ALA A 138 -1.24 -14.55 -7.25
N SER A 139 -0.22 -13.71 -7.45
CA SER A 139 0.94 -14.05 -8.29
C SER A 139 2.18 -14.13 -7.41
N PRO A 140 3.06 -15.14 -7.64
CA PRO A 140 4.35 -15.18 -6.93
C PRO A 140 5.18 -13.96 -7.27
N LEU A 141 4.84 -13.29 -8.36
CA LEU A 141 5.58 -12.06 -8.72
C LEU A 141 5.10 -10.88 -7.92
N GLY A 142 3.96 -11.03 -7.22
CA GLY A 142 3.50 -9.98 -6.34
C GLY A 142 2.10 -9.50 -6.63
N THR A 143 1.36 -9.15 -5.58
CA THR A 143 -0.07 -8.87 -5.73
C THR A 143 -0.47 -7.85 -4.64
N ARG A 144 -1.27 -6.85 -5.04
CA ARG A 144 -1.94 -5.94 -4.10
C ARG A 144 -3.45 -6.19 -4.10
N VAL A 145 -4.08 -6.13 -2.93
CA VAL A 145 -5.52 -6.31 -2.83
C VAL A 145 -6.14 -5.25 -1.92
N THR A 146 -7.23 -4.64 -2.40
CA THR A 146 -8.05 -3.75 -1.59
C THR A 146 -9.50 -4.31 -1.55
N VAL A 147 -10.08 -4.36 -0.36
CA VAL A 147 -11.43 -4.89 -0.18
C VAL A 147 -12.40 -3.72 -0.02
N VAL A 148 -13.42 -3.67 -0.90
CA VAL A 148 -14.52 -2.67 -0.89
C VAL A 148 -15.89 -3.38 -0.68
N GLU A 149 -16.65 -2.96 0.34
CA GLU A 149 -18.09 -3.37 0.43
C GLU A 149 -19.00 -2.62 -0.59
N GLN A 150 -19.79 -3.33 -1.39
CA GLN A 150 -20.84 -2.69 -2.22
C GLN A 150 -22.20 -3.31 -1.88
N GLY A 151 -23.12 -2.52 -1.35
CA GLY A 151 -24.31 -3.08 -0.67
C GLY A 151 -23.94 -4.14 0.35
N GLN A 152 -24.41 -5.36 0.15
CA GLN A 152 -24.13 -6.46 1.06
C GLN A 152 -23.21 -7.51 0.41
N ALA A 153 -22.35 -7.06 -0.50
CA ALA A 153 -21.33 -7.92 -1.09
C ALA A 153 -19.94 -7.33 -0.84
N SER A 154 -18.94 -8.20 -0.67
CA SER A 154 -17.56 -7.79 -0.54
C SER A 154 -16.82 -8.03 -1.86
N TYR A 155 -16.22 -6.98 -2.43
CA TYR A 155 -15.45 -7.06 -3.68
C TYR A 155 -13.96 -6.89 -3.41
N PHE A 156 -13.17 -7.73 -4.10
CA PHE A 156 -11.76 -7.78 -3.92
C PHE A 156 -11.16 -7.18 -5.18
N TYR A 157 -10.48 -6.04 -5.01
CA TYR A 157 -9.87 -5.29 -6.12
C TYR A 157 -8.42 -5.72 -6.12
N VAL A 158 -8.03 -6.47 -7.15
CA VAL A 158 -6.79 -7.26 -7.10
C VAL A 158 -5.88 -6.80 -8.26
N ALA A 159 -4.63 -6.45 -7.96
CA ALA A 159 -3.57 -6.24 -9.00
C ALA A 159 -2.43 -7.25 -8.83
N SER A 160 -2.09 -7.97 -9.91
CA SER A 160 -1.08 -9.06 -9.85
C SER A 160 -0.07 -8.88 -11.00
N SER A 161 1.21 -8.87 -10.65
CA SER A 161 2.30 -8.88 -11.63
C SER A 161 2.29 -10.18 -12.39
N LEU A 162 2.54 -10.10 -13.70
CA LEU A 162 2.52 -11.27 -14.58
C LEU A 162 3.81 -11.46 -15.38
N ASP A 163 4.10 -12.71 -15.74
CA ASP A 163 4.95 -13.01 -16.91
C ASP A 163 4.42 -14.28 -17.59
N ALA A 164 5.17 -14.80 -18.57
CA ALA A 164 4.62 -15.87 -19.42
C ALA A 164 4.43 -17.13 -18.63
N ALA A 165 5.32 -17.35 -17.68
CA ALA A 165 5.32 -18.60 -16.90
C ALA A 165 4.14 -18.61 -15.94
N VAL A 166 3.86 -17.47 -15.33
CA VAL A 166 2.73 -17.38 -14.45
C VAL A 166 1.37 -17.37 -15.16
N ALA A 167 1.31 -16.82 -16.38
CA ALA A 167 0.02 -16.64 -17.10
C ALA A 167 -0.38 -17.83 -17.98
N ALA A 168 0.61 -18.67 -18.29
CA ALA A 168 0.43 -19.81 -19.19
C ALA A 168 -0.90 -20.50 -18.95
N SER A 169 -1.06 -21.03 -17.74
CA SER A 169 -2.35 -21.59 -17.35
C SER A 169 -2.76 -21.09 -15.94
N PHE A 170 -4.06 -21.17 -15.65
CA PHE A 170 -4.57 -20.74 -14.32
C PHE A 170 -4.04 -19.34 -13.97
N SER A 171 -4.17 -18.40 -14.92
CA SER A 171 -3.55 -17.07 -14.79
C SER A 171 -4.34 -16.20 -13.79
N PRO A 172 -3.64 -15.42 -12.93
CA PRO A 172 -4.31 -14.43 -12.06
C PRO A 172 -4.75 -13.09 -12.73
N ARG A 173 -4.37 -12.84 -13.97
CA ARG A 173 -4.65 -11.50 -14.61
C ARG A 173 -3.92 -10.29 -14.01
N SER A 174 -4.03 -9.13 -14.63
CA SER A 174 -3.33 -7.94 -14.15
C SER A 174 -4.16 -7.17 -13.13
N VAL A 175 -5.34 -6.75 -13.54
CA VAL A 175 -6.25 -5.96 -12.70
C VAL A 175 -7.59 -6.70 -12.69
N SER A 176 -8.14 -6.98 -11.51
CA SER A 176 -9.45 -7.57 -11.52
C SER A 176 -10.31 -7.13 -10.33
N ILE A 177 -11.64 -7.34 -10.47
CA ILE A 177 -12.64 -7.03 -9.46
C ILE A 177 -13.47 -8.31 -9.22
N ARG A 178 -13.27 -8.95 -8.07
CA ARG A 178 -13.87 -10.29 -7.81
C ARG A 178 -14.77 -10.27 -6.58
N ARG A 179 -16.00 -10.77 -6.73
CA ARG A 179 -16.91 -10.82 -5.60
C ARG A 179 -16.65 -12.08 -4.80
N LEU A 180 -16.49 -11.91 -3.49
CA LEU A 180 -16.32 -13.03 -2.58
C LEU A 180 -17.69 -13.68 -2.32
N LYS A 181 -17.80 -14.99 -2.49
CA LYS A 181 -19.11 -15.64 -2.31
C LYS A 181 -19.49 -15.76 -0.81
N ALA A 182 -20.78 -15.60 -0.47
CA ALA A 182 -21.18 -15.70 0.96
C ALA A 182 -20.97 -17.07 1.56
N ASP A 183 -20.90 -18.09 0.73
CA ASP A 183 -20.69 -19.47 1.23
C ASP A 183 -19.23 -19.85 1.34
N ALA A 184 -18.34 -18.89 1.05
CA ALA A 184 -16.91 -19.03 1.37
C ALA A 184 -16.27 -20.11 0.56
N SER A 185 -16.81 -20.39 -0.62
CA SER A 185 -16.31 -21.47 -1.43
C SER A 185 -15.42 -20.95 -2.55
N GLY A 186 -15.22 -19.63 -2.62
CA GLY A 186 -14.52 -19.05 -3.74
C GLY A 186 -15.07 -17.69 -4.11
N PHE A 187 -14.62 -17.18 -5.25
CA PHE A 187 -15.11 -15.91 -5.79
C PHE A 187 -16.07 -16.22 -6.90
N ALA A 188 -16.99 -15.28 -7.13
CA ALA A 188 -17.99 -15.46 -8.12
C ALA A 188 -17.40 -15.46 -9.53
N PRO A 189 -17.75 -16.47 -10.37
CA PRO A 189 -17.23 -16.42 -11.76
C PRO A 189 -17.88 -15.23 -12.53
N GLY A 190 -17.31 -14.81 -13.64
CA GLY A 190 -17.92 -13.65 -14.33
C GLY A 190 -17.35 -12.30 -13.87
N PHE A 191 -16.39 -12.34 -12.95
CA PHE A 191 -15.61 -11.15 -12.55
C PHE A 191 -15.05 -10.42 -13.80
N VAL A 192 -14.69 -9.17 -13.62
CA VAL A 192 -14.14 -8.43 -14.72
C VAL A 192 -12.64 -8.27 -14.54
N ALA A 193 -11.90 -8.16 -15.66
CA ALA A 193 -10.45 -8.18 -15.59
C ALA A 193 -9.81 -7.50 -16.81
N LEU A 194 -8.66 -6.86 -16.60
CA LEU A 194 -7.70 -6.47 -17.64
C LEU A 194 -6.46 -7.30 -17.39
N SER A 195 -5.75 -7.75 -18.43
CA SER A 195 -4.40 -8.20 -18.20
C SER A 195 -3.45 -7.96 -19.33
N VAL A 196 -2.17 -8.00 -19.03
CA VAL A 196 -1.15 -7.83 -20.08
C VAL A 196 -1.35 -8.87 -21.20
N LEU A 197 -1.50 -8.38 -22.42
CA LEU A 197 -1.75 -9.24 -23.59
C LEU A 197 -0.60 -10.23 -23.78
N PRO A 198 -0.93 -11.50 -24.08
CA PRO A 198 0.10 -12.54 -24.30
C PRO A 198 1.31 -12.05 -25.13
N LYS A 199 1.05 -11.32 -26.21
CA LYS A 199 2.13 -10.78 -27.03
C LYS A 199 3.07 -9.85 -26.27
N HIS A 200 2.55 -9.18 -25.24
CA HIS A 200 3.38 -8.25 -24.49
C HIS A 200 3.98 -8.88 -23.27
N LEU A 201 3.43 -10.01 -22.83
CA LEU A 201 3.87 -10.66 -21.57
C LEU A 201 5.35 -10.99 -21.66
N VAL A 202 5.83 -11.16 -22.89
CA VAL A 202 7.22 -11.56 -23.12
C VAL A 202 8.21 -10.55 -22.57
N SER A 203 7.94 -9.26 -22.74
CA SER A 203 8.92 -8.22 -22.40
C SER A 203 8.40 -7.10 -21.48
N TYR A 204 7.11 -7.10 -21.19
CA TYR A 204 6.51 -5.99 -20.45
C TYR A 204 5.97 -6.52 -19.13
N SER A 205 6.37 -5.88 -18.05
CA SER A 205 5.83 -6.26 -16.76
C SER A 205 5.56 -5.05 -15.88
N ILE A 206 4.65 -5.25 -14.93
CA ILE A 206 4.11 -4.19 -14.08
C ILE A 206 4.29 -4.56 -12.63
N GLU A 207 4.95 -3.70 -11.86
CA GLU A 207 4.99 -3.84 -10.41
C GLU A 207 3.88 -3.01 -9.70
N TYR A 208 3.30 -3.58 -8.65
CA TYR A 208 2.25 -2.91 -7.88
C TYR A 208 2.77 -2.54 -6.48
N VAL A 209 2.97 -1.26 -6.25
CA VAL A 209 3.62 -0.77 -5.05
C VAL A 209 2.64 -0.63 -3.85
N HIS A 210 1.42 -0.23 -4.15
CA HIS A 210 0.41 0.18 -3.12
C HIS A 210 -0.98 0.12 -3.70
N SER A 211 -1.99 -0.04 -2.86
CA SER A 211 -3.37 0.13 -3.31
C SER A 211 -4.17 0.67 -2.11
N PHE A 212 -5.18 1.48 -2.40
CA PHE A 212 -6.02 2.10 -1.33
C PHE A 212 -7.36 2.58 -1.87
N HIS A 213 -8.34 2.66 -0.96
CA HIS A 213 -9.70 3.03 -1.32
C HIS A 213 -9.97 4.35 -0.65
N THR A 214 -10.29 5.36 -1.45
CA THR A 214 -10.69 6.65 -0.91
C THR A 214 -11.75 7.37 -1.80
N GLY A 215 -12.75 7.95 -1.14
CA GLY A 215 -14.00 8.37 -1.79
C GLY A 215 -14.61 7.29 -2.66
N ALA A 216 -14.87 7.63 -3.92
CA ALA A 216 -15.59 6.75 -4.81
C ALA A 216 -14.65 5.84 -5.65
N PHE A 217 -13.36 5.79 -5.31
CA PHE A 217 -12.37 5.05 -6.10
C PHE A 217 -11.43 4.11 -5.33
N VAL A 218 -10.99 3.05 -6.01
CA VAL A 218 -9.80 2.28 -5.65
C VAL A 218 -8.61 2.75 -6.56
N TYR A 219 -7.46 2.99 -5.94
CA TYR A 219 -6.25 3.48 -6.63
C TYR A 219 -5.17 2.42 -6.50
N PHE A 220 -4.43 2.17 -7.59
CA PHE A 220 -3.22 1.33 -7.49
C PHE A 220 -2.04 2.18 -7.97
N LEU A 221 -0.89 1.98 -7.35
CA LEU A 221 0.34 2.61 -7.81
C LEU A 221 1.24 1.57 -8.36
N THR A 222 1.83 1.91 -9.50
CA THR A 222 2.49 0.91 -10.31
C THR A 222 3.83 1.48 -10.73
N VAL A 223 4.76 0.59 -11.01
CA VAL A 223 6.00 0.92 -11.74
C VAL A 223 6.04 -0.02 -12.94
N GLN A 224 6.27 0.56 -14.12
CA GLN A 224 6.28 -0.22 -15.38
C GLN A 224 7.08 0.57 -16.46
N PRO A 225 7.37 -0.08 -17.61
CA PRO A 225 8.07 0.64 -18.67
C PRO A 225 7.26 1.81 -19.24
N ALA A 226 8.00 2.86 -19.60
CA ALA A 226 7.39 4.13 -19.95
C ALA A 226 6.52 3.96 -21.19
N SER A 227 6.76 2.90 -21.93
CA SER A 227 6.19 2.73 -23.25
C SER A 227 6.29 1.25 -23.55
N VAL A 228 5.43 0.77 -24.44
CA VAL A 228 5.45 -0.66 -24.75
C VAL A 228 6.51 -1.05 -25.80
N THR A 229 7.07 -0.08 -26.51
CA THR A 229 8.14 -0.38 -27.47
C THR A 229 9.47 0.23 -27.07
N ASP A 230 9.79 0.11 -25.78
CA ASP A 230 10.87 0.87 -25.14
C ASP A 230 11.64 -0.01 -24.16
N ASP A 231 12.95 0.19 -24.10
CA ASP A 231 13.78 -0.48 -23.12
C ASP A 231 13.01 -0.73 -21.82
N PRO A 232 12.93 -2.01 -21.42
CA PRO A 232 12.19 -2.44 -20.23
C PRO A 232 12.93 -2.05 -18.94
N SER A 233 13.84 -1.09 -19.06
CA SER A 233 14.42 -0.51 -17.88
C SER A 233 14.24 1.01 -17.84
N ALA A 234 13.57 1.56 -18.87
CA ALA A 234 13.11 2.97 -18.81
C ALA A 234 11.77 2.99 -18.09
N LEU A 235 11.84 3.02 -16.76
CA LEU A 235 10.67 2.76 -15.92
C LEU A 235 10.01 4.08 -15.52
N HIS A 236 8.70 4.08 -15.30
CA HIS A 236 8.08 5.20 -14.63
C HIS A 236 6.95 4.73 -13.73
N THR A 237 6.32 5.69 -13.06
CA THR A 237 5.27 5.43 -12.07
C THR A 237 3.92 5.88 -12.57
N ARG A 238 2.89 5.04 -12.38
CA ARG A 238 1.52 5.43 -12.77
C ARG A 238 0.55 5.19 -11.61
N LEU A 239 -0.48 6.03 -11.59
CA LEU A 239 -1.62 5.87 -10.71
C LEU A 239 -2.73 5.27 -11.55
N ALA A 240 -3.23 4.11 -11.15
CA ALA A 240 -4.42 3.55 -11.83
C ALA A 240 -5.64 3.77 -10.93
N ARG A 241 -6.75 4.21 -11.52
CA ARG A 241 -7.96 4.51 -10.78
C ARG A 241 -9.10 3.66 -11.30
N LEU A 242 -9.80 3.00 -10.38
CA LEU A 242 -10.95 2.20 -10.75
C LEU A 242 -12.17 2.65 -9.92
N SER A 243 -13.36 2.49 -10.47
CA SER A 243 -14.61 2.71 -9.72
C SER A 243 -14.62 1.85 -8.45
N ALA A 244 -14.88 2.46 -7.30
CA ALA A 244 -15.16 1.70 -6.07
C ALA A 244 -16.67 1.45 -5.89
N THR A 245 -17.53 2.03 -6.74
CA THR A 245 -18.97 1.96 -6.51
C THR A 245 -19.68 0.99 -7.46
N GLU A 246 -19.00 0.62 -8.56
CA GLU A 246 -19.53 -0.37 -9.50
C GLU A 246 -18.41 -1.34 -9.81
N PRO A 247 -18.72 -2.63 -9.95
CA PRO A 247 -17.64 -3.57 -10.22
C PRO A 247 -17.37 -3.65 -11.73
N GLU A 248 -16.81 -2.59 -12.31
CA GLU A 248 -16.63 -2.55 -13.74
C GLU A 248 -15.30 -1.86 -14.00
N LEU A 249 -14.67 -2.24 -15.13
CA LEU A 249 -13.33 -1.71 -15.51
C LEU A 249 -13.40 -0.99 -16.87
N GLY A 250 -14.61 -0.76 -17.39
CA GLY A 250 -14.79 0.11 -18.58
C GLY A 250 -14.10 1.47 -18.42
N ASP A 251 -14.33 2.14 -17.31
CA ASP A 251 -13.64 3.41 -17.03
C ASP A 251 -12.39 3.35 -16.13
N TYR A 252 -11.60 2.30 -16.31
CA TYR A 252 -10.26 2.25 -15.76
C TYR A 252 -9.46 3.41 -16.35
N ARG A 253 -8.68 4.06 -15.50
CA ARG A 253 -7.92 5.28 -15.87
C ARG A 253 -6.50 5.18 -15.35
N GLU A 254 -5.51 5.63 -16.15
CA GLU A 254 -4.16 5.78 -15.60
C GLU A 254 -3.63 7.18 -15.81
N LEU A 255 -2.75 7.56 -14.92
CA LEU A 255 -2.17 8.89 -14.91
C LEU A 255 -0.70 8.72 -14.51
N VAL A 256 0.20 9.22 -15.36
CA VAL A 256 1.62 9.11 -15.06
C VAL A 256 1.96 10.10 -13.94
N LEU A 257 2.75 9.68 -12.95
CA LEU A 257 3.13 10.58 -11.86
C LEU A 257 4.64 10.89 -11.91
N ASP A 258 4.99 12.16 -11.80
CA ASP A 258 6.35 12.62 -12.07
C ASP A 258 6.87 13.44 -10.85
N CYS A 259 7.72 12.85 -10.01
CA CYS A 259 8.31 13.59 -8.90
C CYS A 259 9.72 14.01 -9.26
N ARG A 260 10.07 15.26 -8.97
CA ARG A 260 11.43 15.70 -9.31
C ARG A 260 12.15 16.49 -8.24
N PHE A 261 13.48 16.36 -8.23
CA PHE A 261 14.27 17.24 -7.38
C PHE A 261 14.65 18.49 -8.18
N ALA A 262 14.10 19.62 -7.76
CA ALA A 262 14.20 20.82 -8.59
C ALA A 262 14.58 22.00 -7.73
N PRO A 263 15.86 22.09 -7.36
CA PRO A 263 16.31 23.32 -6.68
C PRO A 263 16.50 24.42 -7.72
N GLY A 274 13.76 20.29 -13.08
CA GLY A 274 14.85 19.59 -12.37
C GLY A 274 15.05 18.14 -12.76
N GLN A 275 15.59 17.36 -11.85
CA GLN A 275 15.94 15.97 -12.12
C GLN A 275 14.76 15.06 -11.75
N PRO A 276 14.32 14.18 -12.68
CA PRO A 276 13.23 13.23 -12.44
C PRO A 276 13.66 12.11 -11.49
N TYR A 277 12.71 11.69 -10.66
CA TYR A 277 12.88 10.50 -9.84
C TYR A 277 11.67 9.64 -10.18
N PRO A 278 11.76 8.87 -11.28
CA PRO A 278 10.59 8.26 -11.94
C PRO A 278 10.08 7.01 -11.23
N VAL A 279 10.89 6.41 -10.38
CA VAL A 279 10.59 5.12 -9.77
C VAL A 279 10.03 5.21 -8.33
N LEU A 280 8.76 4.86 -8.18
CA LEU A 280 8.13 4.83 -6.85
C LEU A 280 8.66 3.66 -6.01
N GLN A 281 9.13 3.96 -4.79
CA GLN A 281 9.61 2.96 -3.84
C GLN A 281 8.45 2.52 -2.93
N VAL A 282 7.75 3.48 -2.37
CA VAL A 282 6.69 3.18 -1.35
C VAL A 282 5.76 4.38 -1.32
N ALA A 283 4.49 4.15 -0.97
CA ALA A 283 3.53 5.23 -0.98
C ALA A 283 2.54 5.04 0.19
N HIS A 284 1.94 6.14 0.65
CA HIS A 284 0.87 6.04 1.68
C HIS A 284 0.01 7.26 1.51
N SER A 285 -1.30 7.10 1.68
CA SER A 285 -2.17 8.29 1.66
C SER A 285 -2.72 8.53 3.06
N ALA A 286 -3.03 9.79 3.36
CA ALA A 286 -3.55 10.16 4.69
C ALA A 286 -4.10 11.58 4.62
N PRO A 287 -5.06 11.91 5.50
CA PRO A 287 -5.56 13.28 5.65
C PRO A 287 -4.48 14.15 6.27
N VAL A 288 -4.38 15.39 5.86
CA VAL A 288 -3.25 16.22 6.31
C VAL A 288 -3.75 17.20 7.38
N GLY A 289 -2.86 17.54 8.34
CA GLY A 289 -3.11 18.71 9.20
C GLY A 289 -3.13 20.07 8.49
N ALA A 290 -3.61 21.08 9.23
CA ALA A 290 -3.86 22.42 8.67
C ALA A 290 -2.63 23.14 8.16
N GLN A 291 -1.51 22.91 8.83
CA GLN A 291 -0.27 23.53 8.41
C GLN A 291 0.13 23.08 7.00
N LEU A 292 0.15 21.77 6.76
CA LEU A 292 0.54 21.27 5.44
C LEU A 292 -0.56 21.54 4.45
N ALA A 293 -1.81 21.46 4.90
CA ALA A 293 -2.94 21.81 4.02
C ALA A 293 -2.80 23.23 3.43
N THR A 294 -2.52 24.20 4.28
CA THR A 294 -2.27 25.56 3.80
C THR A 294 -1.17 25.58 2.75
N GLU A 295 -0.07 24.90 3.02
CA GLU A 295 1.07 24.94 2.11
C GLU A 295 0.78 24.29 0.76
N LEU A 296 -0.13 23.32 0.75
CA LEU A 296 -0.57 22.64 -0.48
C LEU A 296 -1.85 23.26 -1.04
N SER A 297 -2.37 24.31 -0.40
CA SER A 297 -3.57 25.02 -0.89
C SER A 297 -4.79 24.10 -0.97
N ILE A 298 -5.00 23.31 0.06
CA ILE A 298 -6.15 22.45 0.10
C ILE A 298 -6.73 22.62 1.44
N ALA A 299 -7.78 21.90 1.75
CA ALA A 299 -8.45 22.09 3.01
C ALA A 299 -7.93 21.11 4.07
N GLU A 300 -7.90 21.59 5.31
CA GLU A 300 -7.42 20.78 6.41
C GLU A 300 -8.18 19.44 6.38
N GLY A 301 -7.47 18.33 6.55
CA GLY A 301 -8.10 17.02 6.55
C GLY A 301 -8.35 16.40 5.18
N GLN A 302 -7.97 17.08 4.10
CA GLN A 302 -8.02 16.47 2.79
C GLN A 302 -6.98 15.36 2.65
N GLU A 303 -7.40 14.29 1.97
CA GLU A 303 -6.55 13.15 1.72
C GLU A 303 -5.48 13.50 0.71
N VAL A 304 -4.24 13.16 1.06
CA VAL A 304 -3.07 13.41 0.21
C VAL A 304 -2.31 12.10 0.00
N LEU A 305 -1.97 11.80 -1.26
CA LEU A 305 -1.16 10.63 -1.56
C LEU A 305 0.33 11.02 -1.49
N PHE A 306 1.09 10.36 -0.60
CA PHE A 306 2.54 10.69 -0.49
C PHE A 306 3.35 9.55 -1.07
N GLY A 307 4.34 9.90 -1.88
CA GLY A 307 5.18 8.91 -2.49
C GLY A 307 6.67 9.18 -2.32
N VAL A 308 7.43 8.13 -2.02
CA VAL A 308 8.88 8.15 -1.99
C VAL A 308 9.38 7.65 -3.34
N PHE A 309 10.13 8.51 -4.04
CA PHE A 309 10.71 8.18 -5.33
C PHE A 309 12.24 8.09 -5.31
N VAL A 310 12.76 7.25 -6.21
CA VAL A 310 14.21 7.10 -6.39
C VAL A 310 14.47 7.19 -7.88
N THR A 311 15.74 7.34 -8.27
CA THR A 311 16.01 7.58 -9.69
C THR A 311 15.96 6.24 -10.41
N GLY A 312 16.21 5.17 -9.68
CA GLY A 312 16.44 3.85 -10.30
C GLY A 312 17.62 3.81 -11.26
N LYS A 313 18.60 4.70 -11.04
CA LYS A 313 19.85 4.75 -11.81
C LYS A 313 19.75 5.34 -13.22
N GLY A 318 24.15 11.07 -9.75
CA GLY A 318 25.37 11.52 -9.11
C GLY A 318 25.12 12.67 -8.16
N VAL A 319 24.70 13.81 -8.72
CA VAL A 319 24.11 14.90 -7.96
C VAL A 319 22.67 14.50 -7.58
N GLY A 320 22.14 15.05 -6.49
CA GLY A 320 20.75 14.76 -6.07
C GLY A 320 20.64 13.81 -4.88
N PRO A 321 19.51 13.89 -4.12
CA PRO A 321 19.25 12.92 -3.03
C PRO A 321 19.05 11.52 -3.54
N ASN A 322 19.25 10.54 -2.66
CA ASN A 322 18.87 9.17 -3.00
C ASN A 322 17.33 9.04 -3.10
N SER A 323 16.60 9.79 -2.27
CA SER A 323 15.12 9.66 -2.12
C SER A 323 14.49 11.07 -2.12
N VAL A 324 13.33 11.21 -2.79
CA VAL A 324 12.47 12.37 -2.68
C VAL A 324 11.08 11.95 -2.20
N VAL A 325 10.32 12.90 -1.68
CA VAL A 325 8.97 12.62 -1.20
C VAL A 325 8.07 13.67 -1.83
N CYS A 326 7.11 13.25 -2.66
CA CYS A 326 6.17 14.18 -3.31
C CYS A 326 4.76 13.94 -2.74
N ALA A 327 3.96 15.01 -2.75
CA ALA A 327 2.61 15.05 -2.22
C ALA A 327 1.64 15.31 -3.37
N PHE A 328 0.64 14.44 -3.49
CA PHE A 328 -0.31 14.49 -4.61
C PHE A 328 -1.69 14.46 -3.99
N PRO A 329 -2.35 15.63 -3.84
CA PRO A 329 -3.64 15.62 -3.12
C PRO A 329 -4.65 14.87 -3.95
N ILE A 330 -5.44 13.98 -3.32
CA ILE A 330 -6.35 13.10 -4.05
C ILE A 330 -7.35 13.87 -4.94
N ASP A 331 -7.89 14.96 -4.42
CA ASP A 331 -8.86 15.76 -5.19
C ASP A 331 -8.25 16.36 -6.46
N LEU A 332 -7.00 16.79 -6.38
CA LEU A 332 -6.31 17.21 -7.59
C LEU A 332 -6.03 16.07 -8.57
N LEU A 333 -5.55 14.91 -8.09
CA LEU A 333 -5.40 13.75 -9.01
C LEU A 333 -6.71 13.41 -9.73
N ASP A 334 -7.83 13.35 -9.01
CA ASP A 334 -9.14 13.03 -9.65
C ASP A 334 -9.52 14.08 -10.71
N THR A 335 -9.24 15.35 -10.42
CA THR A 335 -9.51 16.44 -11.39
C THR A 335 -8.66 16.29 -12.66
N LEU A 336 -7.38 15.95 -12.49
CA LEU A 336 -6.48 15.81 -13.61
C LEU A 336 -6.93 14.65 -14.50
N ILE A 337 -7.38 13.59 -13.85
CA ILE A 337 -7.94 12.46 -14.55
C ILE A 337 -9.23 12.82 -15.26
N ASP A 338 -10.19 13.46 -14.57
CA ASP A 338 -11.41 13.92 -15.25
C ASP A 338 -11.11 14.83 -16.45
N GLU A 339 -10.16 15.75 -16.31
CA GLU A 339 -9.78 16.60 -17.43
C GLU A 339 -9.18 15.77 -18.56
N GLY A 340 -8.36 14.77 -18.21
CA GLY A 340 -7.83 13.84 -19.20
C GLY A 340 -8.90 13.08 -19.98
N VAL A 341 -9.92 12.61 -19.29
CA VAL A 341 -11.05 12.01 -19.98
C VAL A 341 -11.73 12.95 -20.97
N GLU A 342 -11.98 14.21 -20.58
CA GLU A 342 -12.65 15.14 -21.49
C GLU A 342 -11.74 15.37 -22.68
N ARG A 343 -10.42 15.42 -22.47
CA ARG A 343 -9.53 15.68 -23.60
C ARG A 343 -9.63 14.58 -24.66
N CYS A 344 -9.73 13.32 -24.20
CA CYS A 344 -9.88 12.14 -25.07
C CYS A 344 -11.23 12.03 -25.81
N CYS A 345 -12.32 12.32 -25.12
CA CYS A 345 -13.65 11.88 -25.47
C CYS A 345 -14.60 13.03 -25.80
N GLU A 346 -14.16 14.26 -25.61
CA GLU A 346 -15.08 15.39 -25.78
C GLU A 346 -14.97 16.13 -27.11
N SER A 347 -16.12 16.33 -27.73
CA SER A 347 -16.43 17.55 -28.50
C SER A 347 -15.86 17.40 -29.87
N PRO A 348 -14.88 18.27 -30.23
CA PRO A 348 -13.84 17.88 -31.18
C PRO A 348 -12.57 17.53 -30.40
N VAL A 349 -12.09 16.30 -30.54
CA VAL A 349 -10.89 15.85 -29.86
C VAL A 349 -9.69 16.37 -30.65
N HIS A 350 -8.67 16.91 -29.99
CA HIS A 350 -7.44 17.27 -30.73
C HIS A 350 -6.71 16.07 -31.28
N PRO A 351 -6.04 16.23 -32.44
CA PRO A 351 -5.54 14.99 -33.02
C PRO A 351 -4.19 14.52 -32.48
N GLY A 352 -3.91 13.24 -32.65
CA GLY A 352 -2.71 12.64 -32.10
C GLY A 352 -2.74 12.32 -30.60
N LEU A 353 -3.89 12.48 -29.96
CA LEU A 353 -4.09 12.11 -28.57
C LEU A 353 -4.30 10.59 -28.47
N ARG A 354 -3.36 9.86 -27.88
CA ARG A 354 -3.45 8.39 -27.78
C ARG A 354 -4.43 7.98 -26.66
N ARG A 355 -5.18 6.91 -26.88
CA ARG A 355 -5.85 6.24 -25.78
C ARG A 355 -4.86 5.53 -24.83
N GLY A 356 -3.85 4.87 -25.41
CA GLY A 356 -2.83 4.17 -24.61
C GLY A 356 -3.28 2.89 -23.91
N LEU A 357 -2.54 2.45 -22.88
CA LEU A 357 -2.72 1.11 -22.29
C LEU A 357 -2.55 0.01 -23.35
N ASP A 358 -1.56 0.20 -24.22
CA ASP A 358 -1.30 -0.73 -25.30
C ASP A 358 -0.93 -2.12 -24.76
N PHE A 359 -0.46 -2.19 -23.52
CA PHE A 359 -0.16 -3.50 -22.88
C PHE A 359 -1.44 -4.29 -22.52
N PHE A 360 -2.56 -3.58 -22.32
CA PHE A 360 -3.83 -4.23 -21.99
C PHE A 360 -4.75 -4.42 -23.21
N GLN A 361 -4.57 -3.59 -24.23
CA GLN A 361 -5.59 -3.46 -25.27
C GLN A 361 -4.90 -2.97 -26.53
N SER A 362 -5.61 -3.08 -27.65
CA SER A 362 -5.04 -2.55 -28.94
C SER A 362 -4.90 -1.04 -28.93
N PRO A 363 -3.88 -0.51 -29.64
CA PRO A 363 -3.69 0.93 -29.77
C PRO A 363 -4.91 1.59 -30.43
N SER A 364 -5.16 2.84 -30.09
CA SER A 364 -6.12 3.65 -30.84
C SER A 364 -5.83 5.07 -30.48
N PHE A 365 -6.40 5.98 -31.25
CA PHE A 365 -6.33 7.39 -30.93
C PHE A 365 -7.72 7.76 -30.43
N CYS A 366 -7.75 8.62 -29.41
CA CYS A 366 -8.99 9.24 -28.94
C CYS A 366 -9.73 9.90 -30.09
N PRO A 367 -11.07 9.75 -30.14
CA PRO A 367 -11.92 9.15 -29.13
C PRO A 367 -12.23 7.69 -29.40
N ASN A 368 -11.54 7.08 -30.34
CA ASN A 368 -11.88 5.72 -30.77
C ASN A 368 -11.57 4.66 -29.73
N PRO A 369 -12.38 3.59 -29.71
CA PRO A 369 -12.11 2.40 -28.95
C PRO A 369 -10.81 1.72 -29.37
N PRO A 370 -10.20 0.93 -28.46
CA PRO A 370 -9.00 0.18 -28.74
C PRO A 370 -9.09 -0.59 -30.06
N GLY A 371 -8.10 -0.42 -30.92
CA GLY A 371 -8.00 -1.18 -32.17
C GLY A 371 -8.85 -0.62 -33.30
N LEU A 372 -9.49 0.53 -33.08
CA LEU A 372 -10.45 1.05 -34.08
C LEU A 372 -10.12 2.45 -34.54
N GLU A 373 -10.75 2.87 -35.64
CA GLU A 373 -10.46 4.16 -36.26
C GLU A 373 -11.69 5.03 -36.33
N ALA A 374 -12.79 4.47 -35.84
CA ALA A 374 -14.04 5.19 -35.79
C ALA A 374 -14.72 4.86 -34.48
N LEU A 375 -15.47 5.82 -33.98
CA LEU A 375 -16.33 5.61 -32.83
C LEU A 375 -17.76 5.44 -33.32
N SER A 376 -18.28 4.23 -33.23
CA SER A 376 -19.64 3.96 -33.69
C SER A 376 -20.73 4.59 -32.78
N PRO A 377 -21.89 4.98 -33.36
CA PRO A 377 -22.89 5.63 -32.54
C PRO A 377 -23.47 4.79 -31.40
N ASN A 378 -23.32 3.47 -31.42
CA ASN A 378 -23.83 2.70 -30.30
C ASN A 378 -22.82 2.53 -29.14
N THR A 379 -21.76 3.34 -29.17
CA THR A 379 -20.56 3.08 -28.38
C THR A 379 -20.08 4.38 -27.75
N SER A 380 -19.48 4.27 -26.58
CA SER A 380 -19.02 5.43 -25.84
C SER A 380 -17.50 5.40 -25.71
N CYS A 381 -16.86 6.54 -25.95
CA CYS A 381 -15.41 6.72 -25.75
C CYS A 381 -14.99 6.42 -24.29
N ARG A 382 -15.78 6.90 -23.34
CA ARG A 382 -15.46 6.76 -21.90
C ARG A 382 -15.63 5.34 -21.39
N HIS A 383 -16.29 4.51 -22.21
CA HIS A 383 -16.65 3.14 -21.82
C HIS A 383 -15.45 2.23 -21.96
N PHE A 384 -14.34 2.75 -22.52
CA PHE A 384 -13.07 2.01 -22.62
C PHE A 384 -11.92 2.64 -21.80
N PRO A 385 -11.03 1.80 -21.23
CA PRO A 385 -9.89 2.25 -20.46
C PRO A 385 -9.04 3.25 -21.26
N LEU A 386 -8.48 4.24 -20.57
CA LEU A 386 -7.54 5.14 -21.18
C LEU A 386 -6.44 5.60 -20.23
N LEU A 387 -5.34 6.02 -20.84
CA LEU A 387 -4.25 6.71 -20.19
C LEU A 387 -4.36 8.25 -20.42
N VAL A 388 -4.32 8.98 -19.31
CA VAL A 388 -4.40 10.44 -19.37
C VAL A 388 -3.15 10.94 -20.12
N SER A 389 -3.31 11.84 -21.08
CA SER A 389 -2.17 12.21 -21.97
C SER A 389 -1.01 12.93 -21.28
N SER A 390 -1.29 13.81 -20.33
CA SER A 390 -0.14 14.46 -19.67
C SER A 390 0.08 14.05 -18.22
N SER A 391 1.31 14.21 -17.75
CA SER A 391 1.68 13.63 -16.46
C SER A 391 1.45 14.64 -15.36
N PHE A 392 1.31 14.16 -14.14
CA PHE A 392 1.26 15.05 -12.99
C PHE A 392 2.62 15.15 -12.32
N SER A 393 3.19 16.36 -12.37
CA SER A 393 4.54 16.60 -11.87
C SER A 393 4.47 17.39 -10.60
N ARG A 394 5.27 16.94 -9.62
CA ARG A 394 5.38 17.59 -8.31
C ARG A 394 6.87 17.69 -8.02
N VAL A 395 7.25 18.45 -7.01
CA VAL A 395 8.66 18.54 -6.65
C VAL A 395 8.80 18.11 -5.22
N ASP A 396 9.91 17.43 -4.92
CA ASP A 396 10.27 17.00 -3.57
C ASP A 396 9.95 18.02 -2.48
N LEU A 397 8.99 17.66 -1.63
CA LEU A 397 8.69 18.42 -0.42
C LEU A 397 9.92 18.75 0.42
N PHE A 398 10.92 17.87 0.37
CA PHE A 398 12.08 17.98 1.24
C PHE A 398 13.29 18.64 0.54
N ASN A 399 13.09 19.21 -0.65
CA ASN A 399 14.19 19.89 -1.36
C ASN A 399 15.56 19.19 -1.28
N GLY A 400 15.61 17.88 -1.52
CA GLY A 400 16.86 17.13 -1.52
C GLY A 400 17.44 16.86 -0.13
N LEU A 401 16.78 17.28 0.94
CA LEU A 401 17.39 17.17 2.29
C LEU A 401 17.53 15.77 2.90
N LEU A 402 16.89 14.76 2.30
CA LEU A 402 17.11 13.41 2.73
C LEU A 402 18.50 12.92 2.36
N GLY A 403 19.13 13.62 1.42
CA GLY A 403 20.54 13.39 1.07
C GLY A 403 20.77 11.97 0.64
N PRO A 404 21.66 11.25 1.34
CA PRO A 404 21.97 9.91 0.90
C PRO A 404 21.02 8.83 1.45
N VAL A 405 20.15 9.20 2.39
CA VAL A 405 19.22 8.26 3.05
C VAL A 405 18.37 7.48 2.04
N GLN A 406 18.40 6.17 2.11
CA GLN A 406 17.53 5.38 1.25
C GLN A 406 16.24 4.98 1.98
N VAL A 407 15.15 5.65 1.65
CA VAL A 407 13.87 5.36 2.32
C VAL A 407 13.22 4.10 1.73
N THR A 408 12.83 3.16 2.59
CA THR A 408 12.22 1.92 2.12
C THR A 408 10.73 1.78 2.55
N ALA A 409 10.28 2.62 3.49
CA ALA A 409 8.91 2.47 4.07
C ALA A 409 8.43 3.83 4.47
N LEU A 410 7.11 4.02 4.42
CA LEU A 410 6.54 5.30 4.77
C LEU A 410 5.18 5.12 5.42
N TYR A 411 4.94 5.88 6.49
CA TYR A 411 3.59 6.00 7.03
C TYR A 411 3.40 7.42 7.49
N VAL A 412 2.28 8.00 7.06
CA VAL A 412 1.96 9.39 7.37
C VAL A 412 0.79 9.47 8.39
N THR A 413 0.93 10.32 9.39
CA THR A 413 -0.10 10.49 10.43
C THR A 413 -0.34 11.97 10.67
N ARG A 414 -1.61 12.34 10.68
CA ARG A 414 -2.01 13.69 11.05
C ARG A 414 -2.15 13.74 12.57
N LEU A 415 -1.69 14.83 13.15
CA LEU A 415 -1.74 15.04 14.60
C LEU A 415 -2.06 16.52 14.84
N ASP A 416 -3.34 16.84 14.99
CA ASP A 416 -3.85 18.22 14.90
C ASP A 416 -3.43 19.02 13.64
N ASN A 417 -2.64 20.07 13.81
CA ASN A 417 -2.19 20.91 12.70
C ASN A 417 -0.97 20.33 11.99
N VAL A 418 -0.37 19.33 12.63
CA VAL A 418 0.94 18.83 12.26
C VAL A 418 0.72 17.53 11.49
N THR A 419 1.47 17.35 10.41
CA THR A 419 1.49 16.08 9.70
C THR A 419 2.90 15.50 9.80
N VAL A 420 2.99 14.24 10.24
CA VAL A 420 4.29 13.56 10.36
C VAL A 420 4.45 12.38 9.40
N ALA A 421 5.61 12.32 8.74
CA ALA A 421 6.08 11.16 8.01
C ALA A 421 6.97 10.25 8.89
N HIS A 422 6.59 9.00 9.00
CA HIS A 422 7.45 7.98 9.63
C HIS A 422 8.11 7.15 8.57
N MET A 423 9.40 7.43 8.31
CA MET A 423 10.16 6.83 7.22
C MET A 423 11.14 5.75 7.71
N GLY A 424 10.98 4.54 7.19
CA GLY A 424 11.88 3.43 7.44
C GLY A 424 13.03 3.50 6.44
N THR A 425 14.22 3.04 6.84
CA THR A 425 15.40 3.18 5.97
C THR A 425 16.04 1.82 5.62
N MET A 426 16.93 1.81 4.62
CA MET A 426 17.57 0.58 4.23
C MET A 426 18.52 0.03 5.32
N ASP A 427 18.89 0.85 6.29
CA ASP A 427 19.83 0.45 7.36
C ASP A 427 19.14 0.20 8.71
N GLY A 428 17.82 0.10 8.68
CA GLY A 428 17.05 -0.35 9.84
C GLY A 428 16.69 0.74 10.81
N ARG A 429 16.65 1.99 10.33
CA ARG A 429 16.19 3.12 11.15
C ARG A 429 14.78 3.62 10.79
N ILE A 430 14.12 4.26 11.76
CA ILE A 430 12.96 5.12 11.52
C ILE A 430 13.32 6.57 11.69
N LEU A 431 13.04 7.38 10.66
CA LEU A 431 13.06 8.82 10.85
C LEU A 431 11.65 9.40 10.90
N GLN A 432 11.33 10.14 11.97
CA GLN A 432 10.09 10.90 12.04
C GLN A 432 10.37 12.37 11.80
N VAL A 433 9.71 12.90 10.76
CA VAL A 433 9.95 14.24 10.26
C VAL A 433 8.61 14.91 10.00
N GLU A 434 8.44 16.16 10.42
CA GLU A 434 7.24 16.93 10.07
C GLU A 434 7.16 17.15 8.57
N LEU A 435 5.99 16.88 8.00
CA LEU A 435 5.80 17.04 6.58
C LEU A 435 5.46 18.50 6.30
N VAL A 436 6.46 19.26 5.86
CA VAL A 436 6.29 20.61 5.35
C VAL A 436 7.16 20.81 4.11
N ARG A 437 6.88 21.86 3.36
CA ARG A 437 7.75 22.27 2.29
C ARG A 437 9.05 22.74 2.95
N SER A 438 10.13 21.99 2.75
CA SER A 438 11.38 22.27 3.44
C SER A 438 12.38 22.98 2.54
N LEU A 439 13.14 23.90 3.10
CA LEU A 439 14.20 24.54 2.34
C LEU A 439 15.59 24.19 2.86
N ASN A 440 15.90 24.59 4.08
CA ASN A 440 17.27 24.50 4.54
C ASN A 440 17.51 23.34 5.48
N TYR A 441 16.46 22.89 6.15
CA TYR A 441 16.62 21.74 7.01
C TYR A 441 15.28 21.05 7.27
N LEU A 442 15.35 19.76 7.59
CA LEU A 442 14.19 18.96 7.97
C LEU A 442 13.87 19.08 9.45
N LEU A 443 12.59 19.05 9.79
CA LEU A 443 12.22 19.12 11.19
C LEU A 443 12.03 17.71 11.79
N TYR A 444 13.12 17.12 12.29
CA TYR A 444 13.07 15.79 12.91
C TYR A 444 12.32 15.79 14.23
N VAL A 445 11.36 14.88 14.38
CA VAL A 445 10.74 14.68 15.67
C VAL A 445 11.63 13.72 16.43
N SER A 446 12.08 12.66 15.78
CA SER A 446 12.77 11.57 16.47
C SER A 446 13.37 10.56 15.48
N ASN A 447 14.50 9.96 15.87
CA ASN A 447 15.06 8.82 15.14
C ASN A 447 15.01 7.57 16.00
N PHE A 448 14.68 6.45 15.40
CA PHE A 448 14.74 5.19 16.11
C PHE A 448 15.67 4.29 15.34
N SER A 449 16.34 3.40 16.06
CA SER A 449 16.91 2.23 15.42
C SER A 449 16.11 0.97 15.81
N LEU A 450 15.89 0.10 14.84
CA LEU A 450 15.14 -1.15 15.06
C LEU A 450 16.06 -2.33 15.42
N GLY A 451 16.38 -2.45 16.70
CA GLY A 451 17.36 -3.44 17.18
C GLY A 451 18.71 -3.09 16.56
N ASP A 452 19.49 -4.09 16.16
CA ASP A 452 20.75 -3.77 15.52
C ASP A 452 21.23 -4.74 14.50
N SER A 453 20.30 -5.44 13.84
CA SER A 453 20.67 -6.17 12.64
C SER A 453 21.05 -5.17 11.53
N GLY A 454 20.64 -3.92 11.68
CA GLY A 454 20.48 -2.97 10.55
C GLY A 454 20.05 -3.62 9.23
N GLN A 455 19.01 -4.46 9.25
CA GLN A 455 18.42 -4.90 8.00
C GLN A 455 17.43 -3.83 7.53
N PRO A 456 17.06 -3.87 6.25
CA PRO A 456 16.12 -2.86 5.72
C PRO A 456 14.78 -2.95 6.46
N VAL A 457 14.15 -1.81 6.67
CA VAL A 457 12.76 -1.75 7.17
C VAL A 457 11.86 -2.18 6.03
N GLN A 458 10.98 -3.16 6.26
CA GLN A 458 10.15 -3.71 5.18
C GLN A 458 9.13 -2.64 4.79
N ARG A 459 8.62 -2.74 3.56
CA ARG A 459 7.90 -1.65 2.89
C ARG A 459 6.60 -1.39 3.67
N ASP A 460 5.98 -2.47 4.15
CA ASP A 460 4.59 -2.39 4.57
C ASP A 460 4.44 -2.13 6.08
N VAL A 461 3.87 -0.97 6.44
CA VAL A 461 3.84 -0.48 7.83
C VAL A 461 2.37 -0.50 8.27
N SER A 462 2.14 -0.88 9.53
CA SER A 462 0.79 -1.08 10.06
C SER A 462 0.61 -0.20 11.28
N ARG A 463 -0.61 0.17 11.57
CA ARG A 463 -0.89 0.93 12.76
C ARG A 463 -1.63 0.09 13.78
N LEU A 464 -1.32 0.33 15.05
CA LEU A 464 -2.02 -0.33 16.14
C LEU A 464 -2.10 0.65 17.29
N GLY A 465 -3.29 1.23 17.49
CA GLY A 465 -3.49 2.19 18.56
C GLY A 465 -2.70 3.42 18.23
N ASP A 466 -1.87 3.89 19.17
CA ASP A 466 -1.00 5.01 18.87
C ASP A 466 0.47 4.60 18.67
N HIS A 467 0.70 3.37 18.25
CA HIS A 467 2.01 2.91 17.76
C HIS A 467 1.94 2.52 16.30
N LEU A 468 3.09 2.57 15.62
CA LEU A 468 3.22 1.96 14.29
C LEU A 468 4.04 0.69 14.42
N LEU A 469 3.66 -0.34 13.67
CA LEU A 469 4.47 -1.56 13.61
C LEU A 469 5.27 -1.61 12.31
N PHE A 470 6.57 -1.90 12.43
CA PHE A 470 7.49 -2.07 11.28
C PHE A 470 8.19 -3.43 11.44
N ALA A 471 8.46 -4.09 10.33
CA ALA A 471 9.24 -5.32 10.32
C ALA A 471 10.63 -5.02 9.73
N SER A 472 11.66 -5.65 10.29
CA SER A 472 12.92 -5.82 9.59
C SER A 472 13.53 -7.15 9.94
N GLY A 473 13.95 -7.85 8.89
CA GLY A 473 14.41 -9.19 8.97
C GLY A 473 13.27 -10.04 9.47
N ASP A 474 13.47 -10.69 10.61
CA ASP A 474 12.52 -11.68 11.08
C ASP A 474 11.76 -11.13 12.29
N GLN A 475 11.86 -9.83 12.51
CA GLN A 475 11.23 -9.24 13.66
C GLN A 475 10.29 -8.09 13.41
N VAL A 476 9.36 -7.92 14.36
CA VAL A 476 8.40 -6.83 14.30
C VAL A 476 8.70 -5.95 15.45
N PHE A 477 8.63 -4.62 15.23
CA PHE A 477 8.93 -3.62 16.25
C PHE A 477 7.75 -2.66 16.36
N GLN A 478 7.51 -2.11 17.56
CA GLN A 478 6.57 -1.00 17.68
C GLN A 478 7.24 0.34 17.97
N VAL A 479 6.68 1.40 17.40
CA VAL A 479 7.23 2.73 17.51
C VAL A 479 6.07 3.69 17.80
N PRO A 480 6.27 4.62 18.75
CA PRO A 480 5.19 5.58 19.08
C PRO A 480 4.93 6.61 17.97
N ILE A 481 3.67 6.75 17.56
CA ILE A 481 3.30 7.78 16.58
C ILE A 481 3.70 9.19 17.01
N GLN A 482 3.56 9.48 18.31
CA GLN A 482 3.85 10.83 18.80
C GLN A 482 5.29 11.08 19.22
N GLY A 483 6.18 10.12 18.99
CA GLY A 483 7.55 10.24 19.44
C GLY A 483 7.61 10.04 20.94
N PRO A 484 8.81 10.19 21.53
CA PRO A 484 9.04 9.72 22.90
C PRO A 484 8.28 10.57 23.88
N GLY A 485 7.90 9.99 25.02
CA GLY A 485 7.27 10.73 26.11
C GLY A 485 8.07 11.90 26.66
N CYS A 486 7.36 12.87 27.22
CA CYS A 486 7.93 14.10 27.74
C CYS A 486 9.03 13.85 28.78
N ARG A 487 8.85 12.79 29.59
CA ARG A 487 9.80 12.40 30.65
C ARG A 487 11.21 12.08 30.16
N HIS A 488 11.35 11.77 28.87
CA HIS A 488 12.67 11.54 28.29
C HIS A 488 13.48 12.79 28.06
N PHE A 489 12.84 13.96 28.14
CA PHE A 489 13.57 15.24 28.09
C PHE A 489 14.05 15.67 29.46
N LEU A 490 15.36 15.72 29.64
CA LEU A 490 15.87 15.78 31.01
C LEU A 490 16.26 17.18 31.48
N THR A 491 16.41 18.13 30.56
CA THR A 491 16.58 19.52 30.96
C THR A 491 15.47 20.45 30.46
N CYS A 492 15.46 21.67 30.98
CA CYS A 492 14.40 22.61 30.68
C CYS A 492 14.46 23.08 29.23
N GLY A 493 15.65 23.48 28.79
CA GLY A 493 15.91 23.81 27.38
C GLY A 493 15.48 22.75 26.37
N ARG A 494 15.85 21.49 26.64
CA ARG A 494 15.45 20.36 25.80
C ARG A 494 13.93 20.17 25.82
N CYS A 495 13.38 20.08 27.03
CA CYS A 495 11.92 20.01 27.25
C CYS A 495 11.16 21.07 26.44
N LEU A 496 11.69 22.28 26.42
CA LEU A 496 11.02 23.40 25.80
C LEU A 496 11.30 23.44 24.29
N ARG A 497 12.37 22.75 23.86
CA ARG A 497 12.68 22.56 22.43
C ARG A 497 11.74 21.55 21.77
N ALA A 498 11.07 20.70 22.57
CA ALA A 498 10.13 19.70 22.07
C ALA A 498 8.97 20.33 21.27
N TRP A 499 8.51 19.64 20.23
CA TRP A 499 7.42 20.15 19.39
C TRP A 499 6.15 20.24 20.18
N HIS A 500 5.53 21.42 20.08
CA HIS A 500 4.11 21.68 20.39
C HIS A 500 3.22 20.49 20.64
N PHE A 501 2.99 19.67 19.61
CA PHE A 501 2.01 18.57 19.67
C PHE A 501 2.26 17.59 20.81
N MET A 502 3.46 17.62 21.38
CA MET A 502 3.78 16.63 22.40
C MET A 502 3.23 17.02 23.77
N GLY A 503 2.84 18.27 23.94
CA GLY A 503 2.32 18.75 25.23
C GLY A 503 3.35 18.72 26.36
N CYS A 504 4.61 18.87 26.00
CA CYS A 504 5.68 18.89 26.99
C CYS A 504 5.86 20.31 27.56
N GLY A 505 6.04 20.39 28.87
CA GLY A 505 6.27 21.66 29.57
C GLY A 505 7.10 21.37 30.81
N TRP A 506 7.89 22.36 31.23
CA TRP A 506 8.79 22.19 32.35
C TRP A 506 8.08 22.35 33.69
N CYS A 507 8.15 21.33 34.55
CA CYS A 507 7.49 21.34 35.89
C CYS A 507 8.34 22.03 36.97
N GLY A 508 9.54 22.48 36.61
CA GLY A 508 10.51 22.96 37.60
C GLY A 508 11.76 22.09 37.75
N ASN A 509 11.58 20.78 37.92
CA ASN A 509 12.73 19.87 37.93
C ASN A 509 12.50 18.61 37.07
N MET A 510 11.78 18.76 35.95
CA MET A 510 11.08 17.61 35.37
C MET A 510 10.29 18.07 34.14
N CYS A 511 10.27 17.23 33.11
CA CYS A 511 9.46 17.50 31.93
C CYS A 511 8.25 16.58 31.90
N GLY A 512 7.08 17.14 31.69
CA GLY A 512 5.88 16.37 31.73
C GLY A 512 4.73 16.97 30.96
N GLN A 513 3.58 16.32 31.04
CA GLN A 513 2.33 16.88 30.60
C GLN A 513 1.76 17.78 31.70
N GLN A 514 0.86 18.68 31.32
CA GLN A 514 0.25 19.59 32.28
C GLN A 514 -0.23 18.86 33.51
N LYS A 515 -0.79 17.67 33.31
CA LYS A 515 -1.49 16.95 34.37
C LYS A 515 -0.53 16.43 35.44
N GLU A 516 0.76 16.45 35.15
CA GLU A 516 1.71 15.91 36.12
C GLU A 516 2.22 17.01 37.04
N CYS A 517 1.91 18.26 36.73
CA CYS A 517 2.38 19.39 37.53
C CYS A 517 1.53 20.60 37.20
N PRO A 518 0.23 20.49 37.53
CA PRO A 518 -0.78 21.45 37.10
C PRO A 518 -0.42 22.91 37.44
N GLY A 519 0.22 23.13 38.59
CA GLY A 519 0.51 24.48 39.07
C GLY A 519 1.78 25.11 38.52
N SER A 520 2.67 24.30 37.94
CA SER A 520 3.97 24.81 37.48
C SER A 520 4.25 24.56 36.00
N TRP A 521 3.47 23.67 35.38
CA TRP A 521 3.66 23.30 33.97
C TRP A 521 3.70 24.53 33.11
N GLN A 522 4.80 24.73 32.38
CA GLN A 522 4.90 25.85 31.45
C GLN A 522 5.81 25.53 30.25
N GLN A 523 5.62 26.32 29.19
CA GLN A 523 6.34 26.11 27.93
C GLN A 523 7.10 27.35 27.48
N ASP A 524 7.43 28.22 28.42
CA ASP A 524 7.70 29.60 28.07
C ASP A 524 9.17 29.97 28.10
N HIS A 525 9.87 29.60 29.17
CA HIS A 525 11.31 29.85 29.25
C HIS A 525 11.90 29.12 30.39
N CYS A 526 13.23 29.25 30.54
CA CYS A 526 13.98 28.41 31.48
C CYS A 526 14.68 29.22 32.56
N PRO A 527 14.89 28.60 33.73
CA PRO A 527 15.45 29.34 34.87
C PRO A 527 16.73 30.13 34.56
C1 NAG B . 18.27 11.69 12.83
C2 NAG B . 18.97 12.88 13.48
C3 NAG B . 19.76 13.75 12.50
C4 NAG B . 20.41 12.98 11.35
C5 NAG B . 19.53 11.90 10.77
C6 NAG B . 20.49 10.92 10.10
C7 NAG B . 17.52 13.63 15.35
C8 NAG B . 16.51 14.63 15.84
N2 NAG B . 17.97 13.77 14.08
O3 NAG B . 20.76 14.38 13.25
O4 NAG B . 20.65 13.89 10.30
O5 NAG B . 18.84 11.10 11.70
O6 NAG B . 20.09 10.92 8.77
O7 NAG B . 17.93 12.75 16.10
C1 NAG B . 22.02 14.18 10.06
C2 NAG B . 22.05 15.13 8.85
C3 NAG B . 23.49 15.51 8.59
C4 NAG B . 24.12 16.12 9.83
C5 NAG B . 24.06 15.08 10.96
C6 NAG B . 24.68 15.59 12.25
C7 NAG B . 20.40 14.50 7.03
C8 NAG B . 20.23 13.61 5.84
N2 NAG B . 21.58 14.45 7.66
O3 NAG B . 23.61 16.40 7.50
O4 NAG B . 25.45 16.47 9.51
O5 NAG B . 22.70 14.73 11.20
O6 NAG B . 24.12 16.85 12.51
O7 NAG B . 19.45 15.22 7.36
C1 BMA B . 25.55 17.90 9.41
C2 BMA B . 26.95 18.35 9.78
C3 BMA B . 26.74 19.83 10.14
C4 BMA B . 26.08 20.63 9.01
C5 BMA B . 25.32 19.85 7.92
C6 BMA B . 25.94 20.12 6.56
O2 BMA B . 27.79 18.14 8.64
O3 BMA B . 27.77 20.61 10.81
O4 BMA B . 25.16 21.54 9.63
O5 BMA B . 25.20 18.43 8.12
O6 BMA B . 25.66 21.47 6.15
C1 BMA B . 29.12 20.08 11.02
C2 BMA B . 29.35 19.27 12.30
C3 BMA B . 30.78 18.72 12.40
C4 BMA B . 31.51 18.54 11.08
C5 BMA B . 31.10 19.61 10.08
C6 BMA B . 31.78 19.52 8.73
O2 BMA B . 28.38 18.26 12.44
O3 BMA B . 30.87 17.47 13.07
O4 BMA B . 32.89 18.56 11.34
O5 BMA B . 29.71 19.47 9.91
O6 BMA B . 31.77 20.82 8.17
S SO4 C . 1.01 3.13 -22.90
O1 SO4 C . 2.21 2.48 -22.37
O2 SO4 C . 1.23 4.54 -23.20
O3 SO4 C . 0.47 2.37 -24.02
O4 SO4 C . -0.06 3.13 -21.83
S SO4 D . -18.60 9.61 -24.71
O1 SO4 D . -17.90 8.66 -23.83
O2 SO4 D . -17.83 10.86 -24.79
O3 SO4 D . -18.58 9.04 -26.07
O4 SO4 D . -19.97 9.84 -24.19
C ACT E . -20.67 -2.04 -18.18
O ACT E . -20.81 -0.88 -17.71
OXT ACT E . -19.94 -2.88 -17.64
CH3 ACT E . -21.41 -2.39 -19.44
C ACT F . 0.07 11.85 -26.97
O ACT F . 0.04 12.98 -26.43
OXT ACT F . -0.83 11.00 -26.78
CH3 ACT F . 1.24 11.55 -27.86
C ACT G . 12.69 24.95 6.70
O ACT G . 12.83 23.96 5.94
OXT ACT G . 13.55 25.88 6.72
CH3 ACT G . 11.49 24.98 7.60
C ACT H . -0.92 -17.82 2.66
O ACT H . -0.41 -17.22 3.63
OXT ACT H . -0.42 -17.71 1.54
CH3 ACT H . -2.11 -18.72 2.85
C ACT I . 0.00 -6.72 2.92
O ACT I . 0.38 -7.23 4.00
OXT ACT I . 0.01 -5.47 2.75
CH3 ACT I . -0.47 -7.63 1.84
C1 GOL J . -13.60 -19.45 7.59
O1 GOL J . -12.78 -19.35 8.77
C2 GOL J . -14.92 -20.20 7.86
O2 GOL J . -15.85 -19.89 6.83
C3 GOL J . -14.68 -21.70 7.83
O3 GOL J . -14.08 -22.10 9.07
C1 GOL K . -17.72 8.25 -13.94
O1 GOL K . -18.38 8.87 -15.08
C2 GOL K . -16.26 8.74 -13.77
O2 GOL K . -15.58 7.77 -12.97
C3 GOL K . -16.22 10.08 -13.05
O3 GOL K . -14.92 10.72 -13.11
C1 GOL L . -19.48 2.37 -16.69
O1 GOL L . -19.77 0.99 -16.40
C2 GOL L . -18.84 2.38 -18.05
O2 GOL L . -17.59 1.70 -18.01
C3 GOL L . -18.61 3.79 -18.55
O3 GOL L . -19.29 3.73 -19.81
C1 GOL M . -19.13 -12.32 1.24
O1 GOL M . -18.71 -12.46 2.60
C2 GOL M . -20.15 -11.21 1.18
O2 GOL M . -21.06 -11.40 2.26
C3 GOL M . -20.91 -11.24 -0.15
O3 GOL M . -20.02 -10.92 -1.23
C1 EDO N . -1.25 -1.70 -0.54
O1 EDO N . -2.16 -2.80 -0.79
C2 EDO N . -0.17 -2.07 0.47
O2 EDO N . 1.12 -1.51 0.15
C1 EDO O . -3.34 1.76 8.80
O1 EDO O . -3.42 2.05 7.39
C2 EDO O . -3.68 0.30 9.00
O2 EDO O . -2.60 -0.39 9.65
C1 EDO P . -21.27 -9.77 4.91
O1 EDO P . -21.74 -9.98 6.25
C2 EDO P . -21.32 -8.28 4.57
O2 EDO P . -20.67 -8.04 3.30
C1 EDO Q . 2.88 7.80 -22.20
O1 EDO Q . 3.18 8.57 -21.04
C2 EDO Q . 3.37 6.36 -21.98
O2 EDO Q . 3.60 5.63 -23.20
C1 PEG R . -14.38 -2.55 -22.31
O1 PEG R . -15.37 -1.63 -21.82
C2 PEG R . -13.02 -2.22 -21.71
O2 PEG R . -12.42 -3.33 -21.06
C3 PEG R . -12.77 -3.50 -19.68
C4 PEG R . -12.81 -5.00 -19.34
O4 PEG R . -14.00 -5.38 -18.64
#